data_7DQI
#
_entry.id   7DQI
#
_cell.length_a   61.862
_cell.length_b   67.601
_cell.length_c   102.790
_cell.angle_alpha   90.00
_cell.angle_beta   90.00
_cell.angle_gamma   90.00
#
_symmetry.space_group_name_H-M   'P 21 21 21'
#
loop_
_entity.id
_entity.type
_entity.pdbx_description
1 polymer 'DNA gyrase subunit B'
2 non-polymer 1H-benzimidazol-2-amine
3 non-polymer 6,7-bis(oxidanyl)chromen-2-one
4 non-polymer 'PHOSPHATE ION'
5 water water
#
_entity_poly.entity_id   1
_entity_poly.type   'polypeptide(L)'
_entity_poly.pdbx_seq_one_letter_code
;LDAVRKRPGMYIGDTDDGTGLHHMVFEVVDNAIDEALAGHCKEIIVTIHADNSVSVQDDGRGIPTGIHPEEGVSAAEVIM
TVLHAGGKFDDNSYKVSGGLHGVGVSVVNALSQKLELVIQREGKIHRQIYEHGVPQAPLAVTGETEKTGTMVRFWPSLET
FTNVTEFEYEILAKRLRELSFLNSGVSIRLRDKRDGKEDHFHYEGG
;
_entity_poly.pdbx_strand_id   A,B
#
loop_
_chem_comp.id
_chem_comp.type
_chem_comp.name
_chem_comp.formula
AX7 non-polymer 1H-benzimidazol-2-amine 'C7 H7 N3'
HFC non-polymer 6,7-bis(oxidanyl)chromen-2-one 'C9 H6 O4'
PO4 non-polymer 'PHOSPHATE ION' 'O4 P -3'
#
# COMPACT_ATOMS: atom_id res chain seq x y z
N LEU A 1 8.87 1.61 0.37
CA LEU A 1 8.25 0.81 1.48
C LEU A 1 7.62 -0.52 1.04
N ASP A 2 7.43 -0.75 -0.26
CA ASP A 2 6.82 -2.01 -0.74
C ASP A 2 7.61 -3.27 -0.39
N ALA A 3 8.93 -3.15 -0.22
CA ALA A 3 9.75 -4.27 0.26
C ALA A 3 9.34 -4.73 1.67
N VAL A 4 8.99 -3.76 2.52
CA VAL A 4 8.47 -4.06 3.88
C VAL A 4 7.08 -4.67 3.80
N ARG A 5 6.22 -4.10 2.95
CA ARG A 5 4.85 -4.58 2.77
C ARG A 5 4.80 -6.01 2.20
N LYS A 6 5.75 -6.35 1.33
CA LYS A 6 5.86 -7.70 0.77
C LYS A 6 6.12 -8.79 1.81
N ARG A 7 7.02 -8.51 2.74
CA ARG A 7 7.44 -9.47 3.77
C ARG A 7 7.55 -8.79 5.13
N PRO A 8 6.41 -8.44 5.75
CA PRO A 8 6.42 -7.70 7.03
C PRO A 8 7.17 -8.44 8.15
N GLY A 9 7.00 -9.76 8.21
CA GLY A 9 7.68 -10.61 9.20
C GLY A 9 9.19 -10.50 9.26
N MET A 10 9.82 -10.30 8.09
CA MET A 10 11.28 -10.15 8.00
C MET A 10 11.82 -8.86 8.64
N TYR A 11 10.98 -7.82 8.69
CA TYR A 11 11.39 -6.51 9.25
C TYR A 11 10.95 -6.33 10.71
N ILE A 12 9.68 -6.61 11.01
CA ILE A 12 9.10 -6.36 12.33
C ILE A 12 9.07 -7.58 13.27
N GLY A 13 9.06 -8.78 12.70
CA GLY A 13 8.92 -10.03 13.46
C GLY A 13 7.60 -10.69 13.19
N ASP A 14 7.38 -11.85 13.81
CA ASP A 14 6.20 -12.69 13.52
C ASP A 14 4.89 -11.93 13.75
N THR A 15 4.08 -11.86 12.69
CA THR A 15 2.84 -11.06 12.68
C THR A 15 1.59 -11.80 13.18
N ASP A 16 1.73 -13.07 13.58
CA ASP A 16 0.61 -13.87 14.09
C ASP A 16 0.64 -14.09 15.61
N ASP A 17 1.82 -14.32 16.19
CA ASP A 17 1.95 -14.62 17.63
C ASP A 17 2.03 -13.41 18.57
N GLY A 18 2.05 -12.19 18.00
CA GLY A 18 2.10 -10.95 18.80
C GLY A 18 3.47 -10.33 18.96
N THR A 19 4.52 -11.00 18.46
CA THR A 19 5.90 -10.50 18.55
C THR A 19 6.07 -9.23 17.72
N GLY A 20 5.67 -9.30 16.45
CA GLY A 20 5.73 -8.16 15.54
C GLY A 20 4.92 -6.98 16.01
N LEU A 21 3.69 -7.25 16.48
CA LEU A 21 2.78 -6.20 16.99
C LEU A 21 3.43 -5.35 18.07
N HIS A 22 4.03 -6.00 19.06
CA HIS A 22 4.70 -5.30 20.17
C HIS A 22 6.03 -4.66 19.76
N HIS A 23 6.74 -5.27 18.82
CA HIS A 23 7.97 -4.68 18.27
C HIS A 23 7.71 -3.34 17.54
N MET A 24 6.50 -3.16 17.01
CA MET A 24 6.07 -1.87 16.44
C MET A 24 6.24 -0.76 17.48
N VAL A 25 5.77 -1.02 18.70
CA VAL A 25 5.89 -0.06 19.81
C VAL A 25 7.36 0.17 20.14
N PHE A 26 8.13 -0.91 20.26
CA PHE A 26 9.54 -0.82 20.68
C PHE A 26 10.41 -0.04 19.68
N GLU A 27 10.11 -0.18 18.39
CA GLU A 27 10.83 0.56 17.35
C GLU A 27 10.60 2.07 17.47
N VAL A 28 9.35 2.46 17.73
CA VAL A 28 8.99 3.86 17.94
C VAL A 28 9.64 4.38 19.24
N VAL A 29 9.60 3.56 20.29
CA VAL A 29 10.21 3.91 21.58
C VAL A 29 11.71 4.20 21.45
N ASP A 30 12.44 3.39 20.68
CA ASP A 30 13.88 3.62 20.44
C ASP A 30 14.17 5.02 19.91
N ASN A 31 13.37 5.45 18.93
CA ASN A 31 13.51 6.79 18.35
C ASN A 31 13.12 7.89 19.35
N ALA A 32 12.10 7.63 20.16
CA ALA A 32 11.65 8.56 21.21
C ALA A 32 12.72 8.75 22.31
N ILE A 33 13.41 7.66 22.66
CA ILE A 33 14.50 7.72 23.65
C ILE A 33 15.68 8.56 23.12
N ASP A 34 16.06 8.37 21.86
CA ASP A 34 17.12 9.18 21.22
C ASP A 34 16.82 10.67 21.30
N GLU A 35 15.59 11.05 20.98
CA GLU A 35 15.14 12.45 21.06
C GLU A 35 15.08 12.97 22.50
N ALA A 36 14.64 12.10 23.42
CA ALA A 36 14.56 12.44 24.85
C ALA A 36 15.92 12.74 25.47
N LEU A 37 16.92 11.93 25.14
CA LEU A 37 18.29 12.06 25.68
C LEU A 37 18.95 13.39 25.31
N ALA A 38 18.70 13.88 24.11
CA ALA A 38 19.32 15.13 23.61
C ALA A 38 18.54 16.41 23.97
N GLY A 39 17.43 16.28 24.70
CA GLY A 39 16.67 17.43 25.21
C GLY A 39 16.95 17.69 26.69
N HIS A 40 16.09 18.51 27.30
CA HIS A 40 16.29 18.95 28.69
C HIS A 40 15.67 18.00 29.71
N CYS A 41 14.34 17.87 29.70
CA CYS A 41 13.60 17.11 30.72
C CYS A 41 13.78 15.60 30.60
N LYS A 42 13.84 15.09 29.36
CA LYS A 42 14.10 13.67 29.08
C LYS A 42 13.07 12.72 29.68
N GLU A 43 11.83 12.82 29.18
CA GLU A 43 10.76 11.90 29.55
C GLU A 43 10.01 11.44 28.30
N ILE A 44 9.63 10.15 28.28
CA ILE A 44 8.77 9.61 27.24
C ILE A 44 7.48 9.06 27.85
N ILE A 45 6.38 9.18 27.13
CA ILE A 45 5.08 8.70 27.58
C ILE A 45 4.52 7.75 26.52
N VAL A 46 4.37 6.48 26.89
CA VAL A 46 3.77 5.45 26.03
C VAL A 46 2.35 5.20 26.50
N THR A 47 1.37 5.54 25.65
CA THR A 47 -0.04 5.40 26.00
C THR A 47 -0.71 4.34 25.11
N ILE A 48 -1.32 3.34 25.75
CA ILE A 48 -2.18 2.39 25.06
C ILE A 48 -3.59 2.96 25.10
N HIS A 49 -4.12 3.32 23.92
CA HIS A 49 -5.45 3.93 23.82
C HIS A 49 -6.54 2.87 23.76
N ALA A 50 -7.78 3.31 24.01
CA ALA A 50 -8.95 2.42 24.03
C ALA A 50 -9.26 1.77 22.68
N ASP A 51 -8.94 2.47 21.59
CA ASP A 51 -9.18 1.98 20.22
C ASP A 51 -8.02 1.13 19.64
N ASN A 52 -7.18 0.56 20.50
CA ASN A 52 -6.07 -0.32 20.11
C ASN A 52 -5.01 0.37 19.23
N SER A 53 -4.76 1.65 19.51
CA SER A 53 -3.61 2.36 18.98
C SER A 53 -2.65 2.62 20.13
N VAL A 54 -1.40 2.93 19.79
CA VAL A 54 -0.38 3.30 20.77
C VAL A 54 0.25 4.61 20.35
N SER A 55 0.39 5.53 21.31
CA SER A 55 1.09 6.79 21.08
C SER A 55 2.35 6.85 21.94
N VAL A 56 3.41 7.41 21.38
CA VAL A 56 4.69 7.57 22.06
C VAL A 56 5.12 9.04 21.94
N GLN A 57 5.12 9.73 23.09
CA GLN A 57 5.51 11.14 23.17
C GLN A 57 6.94 11.24 23.70
N ASP A 58 7.70 12.21 23.21
CA ASP A 58 8.91 12.68 23.89
C ASP A 58 8.87 14.20 24.03
N ASP A 59 9.66 14.72 24.97
CA ASP A 59 9.81 16.17 25.17
C ASP A 59 11.20 16.66 24.73
N GLY A 60 11.67 16.14 23.59
CA GLY A 60 12.96 16.52 23.03
C GLY A 60 12.88 17.78 22.18
N ARG A 61 13.81 17.92 21.24
CA ARG A 61 13.92 19.13 20.42
C ARG A 61 12.83 19.21 19.34
N GLY A 62 12.28 18.07 18.94
CA GLY A 62 11.40 17.98 17.78
C GLY A 62 12.23 17.62 16.56
N ILE A 63 11.80 16.61 15.81
CA ILE A 63 12.54 16.19 14.61
C ILE A 63 12.48 17.26 13.52
N PRO A 64 13.49 17.34 12.64
CA PRO A 64 13.54 18.41 11.63
C PRO A 64 12.31 18.45 10.71
N THR A 65 11.76 19.65 10.51
CA THR A 65 10.57 19.86 9.69
C THR A 65 10.86 20.48 8.31
N GLY A 66 12.05 21.06 8.13
CA GLY A 66 12.43 21.70 6.87
C GLY A 66 12.51 20.75 5.69
N ILE A 67 12.44 21.31 4.48
CA ILE A 67 12.40 20.52 3.25
C ILE A 67 13.77 19.87 3.01
N HIS A 68 13.75 18.56 2.73
CA HIS A 68 14.95 17.80 2.41
C HIS A 68 15.36 18.14 0.97
N PRO A 69 16.59 18.62 0.75
CA PRO A 69 16.98 19.12 -0.59
C PRO A 69 16.99 18.06 -1.72
N GLU A 70 17.25 16.81 -1.38
CA GLU A 70 17.22 15.70 -2.34
C GLU A 70 15.80 15.23 -2.65
N GLU A 71 15.05 14.90 -1.60
CA GLU A 71 13.71 14.29 -1.74
C GLU A 71 12.62 15.30 -2.10
N GLY A 72 12.81 16.56 -1.75
CA GLY A 72 11.83 17.61 -2.05
C GLY A 72 10.58 17.58 -1.20
N VAL A 73 10.66 16.96 -0.02
CA VAL A 73 9.59 16.97 0.98
C VAL A 73 10.21 17.18 2.36
N SER A 74 9.37 17.39 3.38
CA SER A 74 9.86 17.63 4.74
C SER A 74 10.77 16.50 5.22
N ALA A 75 11.82 16.88 5.97
CA ALA A 75 12.76 15.90 6.54
C ALA A 75 12.05 14.87 7.41
N ALA A 76 10.99 15.30 8.10
CA ALA A 76 10.13 14.40 8.88
C ALA A 76 9.49 13.32 8.01
N GLU A 77 8.96 13.72 6.84
CA GLU A 77 8.36 12.76 5.91
C GLU A 77 9.38 11.75 5.36
N VAL A 78 10.61 12.22 5.09
CA VAL A 78 11.69 11.34 4.63
C VAL A 78 11.97 10.26 5.69
N ILE A 79 11.99 10.66 6.96
CA ILE A 79 12.19 9.73 8.08
C ILE A 79 11.04 8.72 8.17
N MET A 80 9.80 9.19 7.97
CA MET A 80 8.62 8.33 8.02
C MET A 80 8.42 7.40 6.80
N THR A 81 9.05 7.72 5.66
CA THR A 81 8.76 7.01 4.40
C THR A 81 9.95 6.33 3.67
N VAL A 82 11.18 6.56 4.13
CA VAL A 82 12.38 5.97 3.50
C VAL A 82 13.06 5.02 4.48
N LEU A 83 13.48 3.85 3.97
CA LEU A 83 14.20 2.85 4.78
C LEU A 83 15.62 3.32 5.11
N GLY A 102 19.04 -0.86 14.27
CA GLY A 102 17.65 -0.39 14.19
C GLY A 102 17.04 -0.61 12.82
N VAL A 103 15.74 -0.85 12.79
CA VAL A 103 14.98 -1.11 11.56
C VAL A 103 14.33 0.19 11.02
N GLY A 104 13.87 1.06 11.92
CA GLY A 104 13.34 2.38 11.57
C GLY A 104 11.83 2.50 11.73
N VAL A 105 11.38 3.72 12.03
CA VAL A 105 9.94 4.01 12.15
C VAL A 105 9.18 3.97 10.82
N SER A 106 9.90 4.04 9.69
CA SER A 106 9.29 3.87 8.38
C SER A 106 8.64 2.48 8.21
N VAL A 107 9.22 1.47 8.85
CA VAL A 107 8.64 0.13 8.90
C VAL A 107 7.31 0.15 9.67
N VAL A 108 7.31 0.81 10.82
CA VAL A 108 6.10 0.95 11.64
C VAL A 108 5.00 1.68 10.86
N ASN A 109 5.39 2.76 10.18
CA ASN A 109 4.47 3.53 9.34
C ASN A 109 3.88 2.69 8.21
N ALA A 110 4.73 1.91 7.54
CA ALA A 110 4.31 1.03 6.43
C ALA A 110 3.29 -0.04 6.86
N LEU A 111 3.41 -0.52 8.10
CA LEU A 111 2.53 -1.57 8.62
C LEU A 111 1.42 -1.03 9.55
N SER A 112 1.16 0.27 9.50
CA SER A 112 0.09 0.91 10.29
C SER A 112 -1.01 1.40 9.35
N GLN A 113 -2.25 0.97 9.60
CA GLN A 113 -3.39 1.44 8.80
C GLN A 113 -3.62 2.95 8.93
N LYS A 114 -3.25 3.52 10.08
CA LYS A 114 -3.15 4.98 10.25
C LYS A 114 -1.97 5.33 11.15
N LEU A 115 -1.36 6.48 10.90
CA LEU A 115 -0.30 7.02 11.77
C LEU A 115 -0.40 8.55 11.80
N GLU A 116 -0.41 9.10 13.01
CA GLU A 116 -0.49 10.54 13.24
C GLU A 116 0.86 11.00 13.77
N LEU A 117 1.45 12.00 13.10
CA LEU A 117 2.74 12.59 13.50
C LEU A 117 2.49 14.01 13.98
N VAL A 118 2.98 14.34 15.18
CA VAL A 118 2.88 15.69 15.74
C VAL A 118 4.27 16.13 16.22
N ILE A 119 4.79 17.21 15.62
CA ILE A 119 6.11 17.75 15.96
C ILE A 119 5.95 19.18 16.47
N GLN A 120 6.41 19.42 17.69
CA GLN A 120 6.46 20.75 18.28
C GLN A 120 7.92 21.21 18.23
N ARG A 121 8.16 22.31 17.53
CA ARG A 121 9.53 22.77 17.24
C ARG A 121 9.51 24.21 16.75
N GLU A 122 10.48 25.01 17.20
CA GLU A 122 10.65 26.40 16.76
C GLU A 122 9.38 27.25 16.89
N GLY A 123 8.67 27.07 18.01
CA GLY A 123 7.45 27.82 18.28
C GLY A 123 6.19 27.38 17.55
N LYS A 124 6.25 26.27 16.81
CA LYS A 124 5.15 25.84 15.92
C LYS A 124 4.79 24.37 16.12
N ILE A 125 3.50 24.06 16.00
CA ILE A 125 3.01 22.68 16.00
C ILE A 125 2.85 22.26 14.54
N HIS A 126 3.43 21.10 14.19
CA HIS A 126 3.34 20.55 12.83
C HIS A 126 2.60 19.22 12.90
N ARG A 127 1.68 18.97 11.96
CA ARG A 127 0.93 17.72 11.91
C ARG A 127 0.96 17.07 10.53
N GLN A 128 0.90 15.74 10.53
CA GLN A 128 0.79 14.95 9.30
C GLN A 128 0.13 13.61 9.60
N ILE A 129 -0.71 13.16 8.66
CA ILE A 129 -1.40 11.88 8.78
C ILE A 129 -0.94 10.96 7.66
N TYR A 130 -0.69 9.70 8.01
CA TYR A 130 -0.36 8.65 7.06
C TYR A 130 -1.41 7.55 7.13
N GLU A 131 -1.56 6.82 6.03
CA GLU A 131 -2.37 5.60 5.99
C GLU A 131 -1.60 4.53 5.21
N HIS A 132 -1.26 3.43 5.88
CA HIS A 132 -0.42 2.36 5.31
C HIS A 132 0.91 2.89 4.74
N GLY A 133 1.48 3.89 5.41
CA GLY A 133 2.74 4.52 4.98
C GLY A 133 2.63 5.63 3.95
N VAL A 134 1.42 5.92 3.47
CA VAL A 134 1.18 6.92 2.42
C VAL A 134 0.74 8.23 3.07
N PRO A 135 1.53 9.32 2.89
CA PRO A 135 1.10 10.61 3.48
C PRO A 135 -0.17 11.15 2.81
N GLN A 136 -1.12 11.58 3.62
CA GLN A 136 -2.40 12.10 3.11
C GLN A 136 -2.31 13.56 2.70
N ALA A 137 -1.36 14.29 3.32
CA ALA A 137 -1.01 15.64 2.90
C ALA A 137 0.42 15.95 3.37
N PRO A 138 1.03 17.04 2.87
CA PRO A 138 2.33 17.44 3.40
C PRO A 138 2.29 17.84 4.87
N LEU A 139 3.43 17.68 5.57
CA LEU A 139 3.58 18.19 6.93
C LEU A 139 3.17 19.67 6.95
N ALA A 140 2.26 20.02 7.86
CA ALA A 140 1.62 21.33 7.87
C ALA A 140 1.69 21.96 9.25
N VAL A 141 1.98 23.26 9.30
CA VAL A 141 1.95 24.03 10.55
C VAL A 141 0.49 24.27 10.92
N THR A 142 0.08 23.78 12.09
CA THR A 142 -1.32 23.89 12.54
C THR A 142 -1.55 24.84 13.73
N GLY A 143 -0.48 25.38 14.31
CA GLY A 143 -0.62 26.30 15.44
C GLY A 143 0.70 26.71 16.07
N GLU A 144 0.61 27.47 17.17
CA GLU A 144 1.78 27.91 17.93
C GLU A 144 1.88 27.15 19.25
N THR A 145 3.08 27.07 19.78
CA THR A 145 3.34 26.35 21.04
C THR A 145 4.66 26.77 21.68
N GLU A 146 4.69 26.76 23.01
CA GLU A 146 5.92 27.01 23.77
C GLU A 146 6.77 25.74 23.92
N LYS A 147 6.12 24.57 23.88
CA LYS A 147 6.81 23.30 24.14
C LYS A 147 7.55 22.80 22.90
N THR A 148 8.37 21.77 23.11
CA THR A 148 9.07 21.07 22.04
C THR A 148 8.91 19.57 22.20
N GLY A 149 9.08 18.84 21.10
CA GLY A 149 9.03 17.37 21.12
C GLY A 149 8.40 16.77 19.88
N THR A 150 8.32 15.44 19.88
CA THR A 150 7.74 14.66 18.78
C THR A 150 6.78 13.63 19.37
N MET A 151 5.68 13.39 18.66
CA MET A 151 4.69 12.39 19.05
C MET A 151 4.24 11.61 17.82
N VAL A 152 4.23 10.28 17.93
CA VAL A 152 3.67 9.40 16.91
C VAL A 152 2.61 8.54 17.57
N ARG A 153 1.40 8.58 17.02
CA ARG A 153 0.32 7.65 17.38
C ARG A 153 0.02 6.79 16.15
N PHE A 154 0.03 5.48 16.33
CA PHE A 154 -0.18 4.56 15.20
C PHE A 154 -1.23 3.48 15.49
N TRP A 155 -1.96 3.11 14.43
CA TRP A 155 -2.97 2.07 14.48
C TRP A 155 -2.43 0.90 13.66
N PRO A 156 -2.06 -0.23 14.32
CA PRO A 156 -1.50 -1.36 13.56
C PRO A 156 -2.48 -1.91 12.52
N SER A 157 -1.97 -2.20 11.33
CA SER A 157 -2.80 -2.74 10.26
C SER A 157 -3.29 -4.14 10.59
N LEU A 158 -4.60 -4.30 10.67
CA LEU A 158 -5.22 -5.60 10.96
C LEU A 158 -5.16 -6.57 9.76
N GLU A 159 -4.79 -6.06 8.59
CA GLU A 159 -4.44 -6.89 7.43
C GLU A 159 -3.12 -7.64 7.65
N THR A 160 -2.15 -6.97 8.28
CA THR A 160 -0.85 -7.57 8.59
C THR A 160 -0.88 -8.39 9.88
N PHE A 161 -1.36 -7.76 10.96
CA PHE A 161 -1.31 -8.36 12.30
C PHE A 161 -2.59 -9.15 12.61
N THR A 162 -2.45 -10.48 12.66
CA THR A 162 -3.56 -11.41 12.87
C THR A 162 -3.45 -12.12 14.22
N ASN A 163 -4.55 -12.76 14.63
CA ASN A 163 -4.63 -13.53 15.89
C ASN A 163 -4.41 -12.64 17.13
N VAL A 164 -3.16 -12.30 17.42
CA VAL A 164 -2.83 -11.35 18.50
C VAL A 164 -2.87 -9.94 17.90
N THR A 165 -4.00 -9.26 18.10
CA THR A 165 -4.21 -7.89 17.60
C THR A 165 -4.17 -6.81 18.68
N GLU A 166 -4.47 -7.18 19.93
CA GLU A 166 -4.51 -6.22 21.04
C GLU A 166 -3.19 -6.22 21.82
N PHE A 167 -2.79 -5.04 22.29
CA PHE A 167 -1.53 -4.87 23.01
C PHE A 167 -1.65 -5.36 24.46
N GLU A 168 -0.90 -6.41 24.80
CA GLU A 168 -0.73 -6.84 26.19
C GLU A 168 0.13 -5.84 26.97
N TYR A 169 -0.39 -5.38 28.10
CA TYR A 169 0.28 -4.37 28.95
C TYR A 169 1.62 -4.84 29.51
N GLU A 170 1.65 -6.07 30.01
CA GLU A 170 2.86 -6.63 30.66
C GLU A 170 4.05 -6.81 29.72
N ILE A 171 3.77 -7.07 28.43
CA ILE A 171 4.84 -7.19 27.41
C ILE A 171 5.54 -5.85 27.20
N LEU A 172 4.76 -4.77 27.10
CA LEU A 172 5.31 -3.43 26.97
C LEU A 172 6.04 -2.99 28.24
N ALA A 173 5.39 -3.20 29.39
CA ALA A 173 5.96 -2.85 30.69
C ALA A 173 7.32 -3.53 30.95
N LYS A 174 7.42 -4.80 30.61
CA LYS A 174 8.66 -5.58 30.78
C LYS A 174 9.82 -4.95 30.01
N ARG A 175 9.60 -4.64 28.73
CA ARG A 175 10.64 -4.04 27.88
C ARG A 175 11.01 -2.61 28.29
N LEU A 176 10.02 -1.80 28.63
CA LEU A 176 10.27 -0.42 29.06
C LEU A 176 11.06 -0.37 30.38
N ARG A 177 10.82 -1.33 31.27
CA ARG A 177 11.62 -1.48 32.49
C ARG A 177 13.08 -1.76 32.15
N GLU A 178 13.33 -2.69 31.22
CA GLU A 178 14.70 -3.00 30.77
C GLU A 178 15.39 -1.75 30.21
N LEU A 179 14.66 -1.00 29.39
CA LEU A 179 15.16 0.24 28.79
C LEU A 179 15.48 1.34 29.81
N SER A 180 14.71 1.42 30.89
CA SER A 180 14.92 2.44 31.93
C SER A 180 16.26 2.27 32.66
N PHE A 181 16.65 1.03 32.94
CA PHE A 181 17.97 0.73 33.49
C PHE A 181 19.08 1.12 32.53
N LEU A 182 18.94 0.74 31.26
CA LEU A 182 19.94 1.03 30.23
C LEU A 182 20.04 2.53 29.92
N ASN A 183 18.89 3.21 29.87
CA ASN A 183 18.83 4.66 29.64
C ASN A 183 18.49 5.36 30.96
N SER A 184 19.50 5.51 31.80
CA SER A 184 19.35 5.94 33.20
C SER A 184 18.79 7.35 33.41
N GLY A 185 19.11 8.26 32.49
CA GLY A 185 18.60 9.64 32.56
C GLY A 185 17.15 9.83 32.14
N VAL A 186 16.59 8.87 31.42
CA VAL A 186 15.28 9.04 30.78
C VAL A 186 14.13 8.49 31.64
N SER A 187 13.12 9.32 31.87
CA SER A 187 11.88 8.90 32.52
C SER A 187 10.97 8.21 31.49
N ILE A 188 10.38 7.07 31.87
CA ILE A 188 9.48 6.33 30.99
C ILE A 188 8.15 6.08 31.70
N ARG A 189 7.09 6.73 31.21
CA ARG A 189 5.73 6.53 31.72
C ARG A 189 4.94 5.64 30.76
N LEU A 190 4.22 4.68 31.34
CA LEU A 190 3.35 3.78 30.58
C LEU A 190 1.92 3.93 31.10
N ARG A 191 0.97 4.13 30.19
CA ARG A 191 -0.44 4.37 30.54
C ARG A 191 -1.38 3.50 29.70
N ASP A 192 -2.30 2.83 30.36
CA ASP A 192 -3.32 2.02 29.70
C ASP A 192 -4.68 2.65 29.95
N LYS A 193 -5.31 3.14 28.89
CA LYS A 193 -6.63 3.80 28.98
C LYS A 193 -7.81 2.82 28.90
N ARG A 194 -7.54 1.54 28.62
CA ARG A 194 -8.57 0.50 28.57
C ARG A 194 -9.04 0.11 29.98
N ASP A 195 -8.08 -0.09 30.89
CA ASP A 195 -8.37 -0.45 32.29
C ASP A 195 -7.71 0.47 33.34
N GLY A 196 -7.20 1.64 32.91
CA GLY A 196 -6.63 2.62 33.82
C GLY A 196 -5.30 2.30 34.47
N LYS A 197 -4.63 1.22 34.06
CA LYS A 197 -3.37 0.79 34.66
C LYS A 197 -2.22 1.71 34.24
N GLU A 198 -1.27 1.91 35.15
CA GLU A 198 -0.13 2.81 34.89
C GLU A 198 1.15 2.37 35.60
N ASP A 199 2.28 2.81 35.04
CA ASP A 199 3.61 2.59 35.62
C ASP A 199 4.53 3.76 35.28
N HIS A 200 5.58 3.91 36.08
CA HIS A 200 6.59 4.96 35.88
C HIS A 200 7.98 4.38 36.15
N PHE A 201 8.70 4.07 35.07
CA PHE A 201 10.04 3.48 35.15
C PHE A 201 11.08 4.58 35.09
N HIS A 202 11.92 4.68 36.13
CA HIS A 202 13.02 5.63 36.16
C HIS A 202 14.12 5.17 37.12
N TYR A 203 15.36 5.14 36.64
CA TYR A 203 16.49 4.64 37.41
C TYR A 203 16.98 5.70 38.40
N LEU B 1 5.84 2.26 -6.33
CA LEU B 1 4.40 2.62 -6.44
C LEU B 1 3.92 3.73 -5.50
N ASP B 2 4.70 4.06 -4.46
CA ASP B 2 4.31 5.09 -3.47
C ASP B 2 4.03 6.48 -4.07
N ALA B 3 4.69 6.81 -5.18
CA ALA B 3 4.41 8.06 -5.90
C ALA B 3 2.99 8.11 -6.45
N VAL B 4 2.48 6.97 -6.93
CA VAL B 4 1.10 6.86 -7.42
C VAL B 4 0.10 6.92 -6.26
N ARG B 5 0.44 6.24 -5.16
CA ARG B 5 -0.41 6.24 -3.96
C ARG B 5 -0.52 7.63 -3.32
N LYS B 6 0.57 8.40 -3.36
CA LYS B 6 0.58 9.78 -2.84
C LYS B 6 -0.38 10.72 -3.56
N ARG B 7 -0.47 10.60 -4.88
CA ARG B 7 -1.31 11.45 -5.72
C ARG B 7 -1.94 10.66 -6.86
N PRO B 8 -2.97 9.84 -6.57
CA PRO B 8 -3.62 8.98 -7.58
C PRO B 8 -4.18 9.72 -8.79
N GLY B 9 -4.74 10.91 -8.56
CA GLY B 9 -5.29 11.75 -9.61
C GLY B 9 -4.35 12.13 -10.74
N MET B 10 -3.06 12.29 -10.41
CA MET B 10 -2.03 12.61 -11.41
C MET B 10 -1.82 11.49 -12.43
N TYR B 11 -2.05 10.24 -12.03
CA TYR B 11 -1.79 9.07 -12.89
C TYR B 11 -3.03 8.49 -13.58
N ILE B 12 -4.12 8.33 -12.84
CA ILE B 12 -5.35 7.69 -13.36
C ILE B 12 -6.43 8.67 -13.85
N GLY B 13 -6.41 9.91 -13.34
CA GLY B 13 -7.42 10.92 -13.66
C GLY B 13 -8.35 11.15 -12.47
N ASP B 14 -9.52 11.73 -12.73
CA ASP B 14 -10.46 12.08 -11.68
C ASP B 14 -11.03 10.82 -11.01
N THR B 15 -10.80 10.69 -9.70
CA THR B 15 -11.22 9.51 -8.93
C THR B 15 -12.65 9.62 -8.34
N ASP B 16 -13.36 10.72 -8.61
CA ASP B 16 -14.71 10.95 -8.10
C ASP B 16 -15.81 10.73 -9.16
N ASP B 17 -15.65 11.37 -10.33
CA ASP B 17 -16.71 11.38 -11.35
C ASP B 17 -16.88 10.10 -12.18
N GLY B 18 -15.96 9.14 -12.05
CA GLY B 18 -16.04 7.86 -12.76
C GLY B 18 -15.12 7.73 -13.98
N THR B 19 -14.53 8.83 -14.42
CA THR B 19 -13.64 8.82 -15.58
C THR B 19 -12.33 8.07 -15.29
N GLY B 20 -11.76 8.30 -14.10
CA GLY B 20 -10.60 7.56 -13.62
C GLY B 20 -10.87 6.07 -13.44
N LEU B 21 -12.04 5.73 -12.89
CA LEU B 21 -12.46 4.34 -12.69
C LEU B 21 -12.49 3.55 -13.98
N HIS B 22 -13.05 4.14 -15.03
CA HIS B 22 -13.13 3.48 -16.34
C HIS B 22 -11.79 3.47 -17.09
N HIS B 23 -10.96 4.49 -16.84
CA HIS B 23 -9.58 4.51 -17.36
C HIS B 23 -8.75 3.32 -16.84
N MET B 24 -9.07 2.82 -15.65
CA MET B 24 -8.45 1.60 -15.10
C MET B 24 -8.66 0.41 -16.06
N VAL B 25 -9.89 0.25 -16.55
CA VAL B 25 -10.21 -0.82 -17.50
C VAL B 25 -9.50 -0.59 -18.83
N PHE B 26 -9.57 0.63 -19.36
CA PHE B 26 -9.01 0.94 -20.68
C PHE B 26 -7.47 0.86 -20.73
N GLU B 27 -6.81 1.16 -19.60
CA GLU B 27 -5.36 0.95 -19.49
C GLU B 27 -5.00 -0.53 -19.62
N VAL B 28 -5.77 -1.39 -18.93
CA VAL B 28 -5.55 -2.84 -18.99
C VAL B 28 -5.88 -3.37 -20.39
N VAL B 29 -6.95 -2.84 -20.99
CA VAL B 29 -7.36 -3.21 -22.36
C VAL B 29 -6.27 -2.92 -23.39
N ASP B 30 -5.65 -1.74 -23.31
CA ASP B 30 -4.54 -1.37 -24.22
C ASP B 30 -3.40 -2.38 -24.17
N ASN B 31 -3.04 -2.82 -22.97
CA ASN B 31 -2.01 -3.86 -22.79
C ASN B 31 -2.46 -5.23 -23.34
N ALA B 32 -3.73 -5.57 -23.14
CA ALA B 32 -4.29 -6.81 -23.67
C ALA B 32 -4.32 -6.83 -25.21
N ILE B 33 -4.68 -5.70 -25.81
CA ILE B 33 -4.68 -5.56 -27.27
C ILE B 33 -3.26 -5.71 -27.84
N ASP B 34 -2.27 -5.11 -27.18
CA ASP B 34 -0.85 -5.28 -27.57
C ASP B 34 -0.43 -6.75 -27.61
N GLU B 35 -0.82 -7.52 -26.61
CA GLU B 35 -0.55 -8.97 -26.57
C GLU B 35 -1.31 -9.73 -27.66
N ALA B 36 -2.58 -9.35 -27.88
CA ALA B 36 -3.41 -9.97 -28.91
C ALA B 36 -2.86 -9.74 -30.32
N LEU B 37 -2.41 -8.52 -30.59
CA LEU B 37 -1.81 -8.16 -31.89
C LEU B 37 -0.55 -8.96 -32.24
N ALA B 38 0.20 -9.41 -31.22
CA ALA B 38 1.39 -10.24 -31.43
C ALA B 38 1.10 -11.59 -32.09
N GLY B 39 -0.14 -12.04 -31.93
CA GLY B 39 -0.56 -13.30 -32.50
C GLY B 39 -1.45 -13.21 -33.73
N HIS B 40 -1.85 -14.39 -34.17
CA HIS B 40 -2.68 -14.54 -35.35
C HIS B 40 -4.14 -14.66 -34.99
N CYS B 41 -4.47 -15.55 -34.08
CA CYS B 41 -5.89 -15.71 -33.72
C CYS B 41 -6.55 -14.52 -33.02
N LYS B 42 -5.78 -13.80 -32.23
CA LYS B 42 -6.13 -12.63 -31.48
C LYS B 42 -7.51 -12.37 -30.89
N GLU B 43 -7.70 -12.65 -29.61
CA GLU B 43 -8.96 -12.36 -28.97
C GLU B 43 -8.76 -11.89 -27.54
N ILE B 44 -9.50 -10.87 -27.15
CA ILE B 44 -9.55 -10.42 -25.78
C ILE B 44 -11.01 -10.44 -25.32
N ILE B 45 -11.19 -10.68 -24.05
CA ILE B 45 -12.49 -10.75 -23.46
C ILE B 45 -12.48 -9.90 -22.21
N VAL B 46 -13.39 -8.96 -22.15
CA VAL B 46 -13.56 -8.06 -21.01
C VAL B 46 -14.84 -8.47 -20.30
N THR B 47 -14.74 -8.85 -19.02
CA THR B 47 -15.88 -9.34 -18.25
C THR B 47 -16.10 -8.46 -17.02
N ILE B 48 -17.31 -7.90 -16.91
CA ILE B 48 -17.73 -7.19 -15.70
C ILE B 48 -18.40 -8.23 -14.81
N HIS B 49 -17.77 -8.52 -13.67
CA HIS B 49 -18.28 -9.53 -12.74
C HIS B 49 -19.32 -8.94 -11.79
N ALA B 50 -20.09 -9.82 -11.16
CA ALA B 50 -21.18 -9.44 -10.25
C ALA B 50 -20.71 -8.72 -8.97
N ASP B 51 -19.45 -8.93 -8.59
CA ASP B 51 -18.84 -8.23 -7.45
C ASP B 51 -18.14 -6.90 -7.82
N ASN B 52 -18.52 -6.31 -8.95
CA ASN B 52 -17.94 -5.07 -9.48
C ASN B 52 -16.41 -5.09 -9.70
N SER B 53 -15.86 -6.27 -9.98
CA SER B 53 -14.51 -6.40 -10.51
C SER B 53 -14.60 -6.55 -12.02
N VAL B 54 -13.49 -6.26 -12.70
CA VAL B 54 -13.40 -6.43 -14.15
C VAL B 54 -12.18 -7.30 -14.45
N SER B 55 -12.39 -8.33 -15.28
CA SER B 55 -11.28 -9.14 -15.80
C SER B 55 -11.06 -8.85 -17.28
N VAL B 56 -9.80 -8.88 -17.70
CA VAL B 56 -9.41 -8.70 -19.10
C VAL B 56 -8.43 -9.82 -19.45
N GLN B 57 -8.81 -10.65 -20.41
CA GLN B 57 -8.01 -11.82 -20.84
C GLN B 57 -7.60 -11.60 -22.28
N ASP B 58 -6.40 -12.05 -22.63
CA ASP B 58 -6.00 -12.21 -24.04
C ASP B 58 -5.50 -13.63 -24.25
N ASP B 59 -5.47 -14.06 -25.51
CA ASP B 59 -4.91 -15.37 -25.88
C ASP B 59 -3.56 -15.23 -26.61
N GLY B 60 -2.76 -14.26 -26.18
CA GLY B 60 -1.44 -14.02 -26.75
C GLY B 60 -0.40 -14.96 -26.18
N ARG B 61 0.87 -14.54 -26.26
CA ARG B 61 2.00 -15.38 -25.86
C ARG B 61 2.07 -15.62 -24.34
N GLY B 62 1.56 -14.67 -23.57
CA GLY B 62 1.70 -14.68 -22.11
C GLY B 62 2.85 -13.81 -21.71
N ILE B 63 2.64 -12.96 -20.70
CA ILE B 63 3.69 -12.09 -20.16
C ILE B 63 4.88 -12.92 -19.67
N PRO B 64 6.13 -12.45 -19.93
CA PRO B 64 7.32 -13.14 -19.41
C PRO B 64 7.26 -13.44 -17.91
N THR B 65 7.62 -14.67 -17.56
CA THR B 65 7.53 -15.16 -16.18
C THR B 65 8.88 -15.38 -15.48
N GLY B 66 9.98 -15.41 -16.25
CA GLY B 66 11.31 -15.67 -15.70
C GLY B 66 11.79 -14.57 -14.78
N ILE B 67 12.70 -14.92 -13.87
CA ILE B 67 13.19 -13.99 -12.86
C ILE B 67 14.03 -12.91 -13.53
N HIS B 68 13.77 -11.65 -13.18
CA HIS B 68 14.50 -10.50 -13.70
C HIS B 68 15.87 -10.47 -12.98
N PRO B 69 16.99 -10.46 -13.75
CA PRO B 69 18.33 -10.53 -13.11
C PRO B 69 18.62 -9.44 -12.08
N GLU B 70 18.22 -8.20 -12.39
CA GLU B 70 18.41 -7.07 -11.48
C GLU B 70 17.45 -7.10 -10.28
N GLU B 71 16.15 -7.16 -10.58
CA GLU B 71 15.11 -7.04 -9.55
C GLU B 71 14.97 -8.29 -8.66
N GLY B 72 15.31 -9.46 -9.19
CA GLY B 72 15.26 -10.71 -8.42
C GLY B 72 13.87 -11.25 -8.17
N VAL B 73 12.90 -10.84 -8.99
CA VAL B 73 11.53 -11.37 -8.98
C VAL B 73 11.10 -11.62 -10.42
N SER B 74 10.00 -12.34 -10.60
CA SER B 74 9.47 -12.63 -11.93
C SER B 74 9.31 -11.35 -12.75
N ALA B 75 9.60 -11.44 -14.05
CA ALA B 75 9.41 -10.31 -14.97
C ALA B 75 7.97 -9.79 -14.94
N ALA B 76 7.00 -10.70 -14.75
CA ALA B 76 5.60 -10.34 -14.55
C ALA B 76 5.40 -9.42 -13.36
N GLU B 77 6.00 -9.76 -12.21
CA GLU B 77 5.92 -8.92 -11.02
C GLU B 77 6.53 -7.53 -11.24
N VAL B 78 7.65 -7.47 -11.96
CA VAL B 78 8.28 -6.19 -12.30
C VAL B 78 7.31 -5.32 -13.10
N ILE B 79 6.63 -5.91 -14.09
CA ILE B 79 5.64 -5.20 -14.90
C ILE B 79 4.49 -4.67 -14.02
N MET B 80 4.04 -5.48 -13.06
CA MET B 80 2.93 -5.12 -12.17
C MET B 80 3.29 -4.14 -11.05
N THR B 81 4.57 -4.02 -10.70
CA THR B 81 5.00 -3.23 -9.51
C THR B 81 5.98 -2.06 -9.77
N VAL B 82 6.42 -1.87 -11.01
CA VAL B 82 7.34 -0.78 -11.36
C VAL B 82 6.63 0.22 -12.28
N LEU B 83 6.80 1.51 -11.98
CA LEU B 83 6.12 2.59 -12.70
C LEU B 83 6.76 2.85 -14.06
N GLY B 102 1.03 4.97 -22.50
CA GLY B 102 0.09 4.74 -21.40
C GLY B 102 0.74 4.83 -20.04
N VAL B 103 -0.11 4.84 -19.00
CA VAL B 103 0.35 4.95 -17.61
C VAL B 103 0.97 3.64 -17.05
N GLY B 104 0.69 2.51 -17.70
CA GLY B 104 1.15 1.20 -17.25
C GLY B 104 0.13 0.50 -16.35
N VAL B 105 0.11 -0.84 -16.40
CA VAL B 105 -0.76 -1.65 -15.54
C VAL B 105 -0.41 -1.52 -14.05
N SER B 106 0.85 -1.17 -13.75
CA SER B 106 1.30 -0.95 -12.37
C SER B 106 0.49 0.13 -11.64
N VAL B 107 0.02 1.14 -12.37
CA VAL B 107 -0.88 2.15 -11.81
C VAL B 107 -2.23 1.53 -11.41
N VAL B 108 -2.78 0.68 -12.29
CA VAL B 108 -4.03 -0.02 -12.02
C VAL B 108 -3.88 -0.95 -10.81
N ASN B 109 -2.75 -1.65 -10.74
CA ASN B 109 -2.44 -2.54 -9.62
C ASN B 109 -2.35 -1.76 -8.29
N ALA B 110 -1.65 -0.64 -8.32
CA ALA B 110 -1.50 0.25 -7.13
C ALA B 110 -2.83 0.74 -6.58
N LEU B 111 -3.77 1.08 -7.48
CA LEU B 111 -5.09 1.60 -7.10
C LEU B 111 -6.20 0.52 -7.07
N SER B 112 -5.82 -0.75 -7.01
CA SER B 112 -6.76 -1.86 -6.90
C SER B 112 -6.58 -2.53 -5.54
N GLN B 113 -7.66 -2.61 -4.77
CA GLN B 113 -7.63 -3.30 -3.46
C GLN B 113 -7.31 -4.79 -3.57
N LYS B 114 -7.67 -5.39 -4.71
CA LYS B 114 -7.19 -6.74 -5.07
C LYS B 114 -6.95 -6.81 -6.58
N LEU B 115 -5.93 -7.59 -6.96
CA LEU B 115 -5.66 -7.87 -8.37
C LEU B 115 -5.13 -9.30 -8.52
N GLU B 116 -5.76 -10.06 -9.40
CA GLU B 116 -5.38 -11.44 -9.69
C GLU B 116 -4.73 -11.48 -11.07
N LEU B 117 -3.53 -12.07 -11.13
CA LEU B 117 -2.78 -12.24 -12.38
C LEU B 117 -2.69 -13.72 -12.70
N VAL B 118 -3.07 -14.10 -13.92
CA VAL B 118 -2.95 -15.49 -14.40
C VAL B 118 -2.30 -15.49 -15.79
N ILE B 119 -1.14 -16.15 -15.89
CA ILE B 119 -0.37 -16.22 -17.14
C ILE B 119 -0.23 -17.67 -17.55
N GLN B 120 -0.64 -17.96 -18.79
CA GLN B 120 -0.50 -19.29 -19.37
C GLN B 120 0.60 -19.21 -20.43
N ARG B 121 1.67 -19.98 -20.23
CA ARG B 121 2.89 -19.86 -21.03
C ARG B 121 3.76 -21.11 -20.86
N GLU B 122 4.30 -21.61 -21.97
CA GLU B 122 5.19 -22.80 -21.97
C GLU B 122 4.58 -24.02 -21.28
N GLY B 123 3.29 -24.25 -21.52
CA GLY B 123 2.57 -25.37 -20.93
C GLY B 123 2.27 -25.29 -19.44
N LYS B 124 2.39 -24.09 -18.85
CA LYS B 124 2.26 -23.90 -17.41
C LYS B 124 1.32 -22.74 -17.08
N ILE B 125 0.52 -22.92 -16.02
CA ILE B 125 -0.31 -21.85 -15.47
C ILE B 125 0.46 -21.19 -14.33
N HIS B 126 0.60 -19.87 -14.41
CA HIS B 126 1.27 -19.07 -13.38
C HIS B 126 0.22 -18.18 -12.71
N ARG B 127 0.23 -18.14 -11.38
CA ARG B 127 -0.75 -17.35 -10.62
C ARG B 127 -0.06 -16.46 -9.58
N GLN B 128 -0.60 -15.24 -9.42
CA GLN B 128 -0.16 -14.32 -8.36
C GLN B 128 -1.29 -13.39 -7.98
N ILE B 129 -1.39 -13.08 -6.69
CA ILE B 129 -2.40 -12.18 -6.15
C ILE B 129 -1.71 -10.94 -5.58
N TYR B 130 -2.31 -9.78 -5.82
CA TYR B 130 -1.86 -8.51 -5.27
C TYR B 130 -2.98 -7.89 -4.45
N GLU B 131 -2.59 -7.07 -3.46
CA GLU B 131 -3.52 -6.22 -2.73
C GLU B 131 -2.91 -4.83 -2.59
N HIS B 132 -3.58 -3.82 -3.16
CA HIS B 132 -3.07 -2.44 -3.20
C HIS B 132 -1.64 -2.36 -3.78
N GLY B 133 -1.38 -3.18 -4.80
CA GLY B 133 -0.06 -3.24 -5.44
C GLY B 133 0.99 -4.14 -4.78
N VAL B 134 0.68 -4.69 -3.61
CA VAL B 134 1.63 -5.52 -2.85
C VAL B 134 1.38 -6.99 -3.21
N PRO B 135 2.41 -7.67 -3.76
CA PRO B 135 2.22 -9.11 -4.05
C PRO B 135 2.12 -9.93 -2.76
N GLN B 136 1.14 -10.82 -2.70
CA GLN B 136 0.90 -11.65 -1.50
C GLN B 136 1.84 -12.84 -1.42
N ALA B 137 2.33 -13.29 -2.57
CA ALA B 137 3.39 -14.30 -2.65
C ALA B 137 4.08 -14.15 -4.01
N PRO B 138 5.25 -14.79 -4.18
CA PRO B 138 5.89 -14.81 -5.51
C PRO B 138 5.04 -15.52 -6.56
N LEU B 139 5.19 -15.12 -7.83
CA LEU B 139 4.53 -15.79 -8.95
C LEU B 139 4.82 -17.29 -8.89
N ALA B 140 3.76 -18.10 -8.94
CA ALA B 140 3.88 -19.54 -8.74
C ALA B 140 3.27 -20.31 -9.89
N VAL B 141 3.97 -21.35 -10.36
CA VAL B 141 3.40 -22.30 -11.31
C VAL B 141 2.47 -23.22 -10.51
N THR B 142 1.17 -23.13 -10.81
CA THR B 142 0.14 -23.87 -10.09
C THR B 142 -0.42 -25.06 -10.86
N GLY B 143 -0.16 -25.16 -12.16
CA GLY B 143 -0.68 -26.26 -12.95
C GLY B 143 -0.21 -26.29 -14.39
N GLU B 144 -0.95 -27.00 -15.22
CA GLU B 144 -0.61 -27.21 -16.63
C GLU B 144 -1.74 -26.74 -17.54
N THR B 145 -1.38 -26.41 -18.78
CA THR B 145 -2.34 -25.90 -19.76
C THR B 145 -1.81 -26.09 -21.18
N GLU B 146 -2.73 -26.28 -22.13
CA GLU B 146 -2.41 -26.27 -23.57
C GLU B 146 -2.47 -24.86 -24.16
N LYS B 147 -3.23 -23.97 -23.51
CA LYS B 147 -3.46 -22.61 -23.99
C LYS B 147 -2.36 -21.65 -23.56
N THR B 148 -2.36 -20.47 -24.18
CA THR B 148 -1.46 -19.37 -23.82
C THR B 148 -2.26 -18.09 -23.62
N GLY B 149 -1.68 -17.16 -22.85
CA GLY B 149 -2.30 -15.85 -22.64
C GLY B 149 -2.06 -15.23 -21.28
N THR B 150 -2.61 -14.03 -21.08
CA THR B 150 -2.52 -13.29 -19.84
C THR B 150 -3.92 -12.83 -19.44
N MET B 151 -4.23 -12.95 -18.14
CA MET B 151 -5.49 -12.47 -17.59
C MET B 151 -5.19 -11.64 -16.34
N VAL B 152 -5.82 -10.48 -16.26
CA VAL B 152 -5.81 -9.65 -15.05
C VAL B 152 -7.26 -9.38 -14.66
N ARG B 153 -7.60 -9.70 -13.41
CA ARG B 153 -8.88 -9.35 -12.81
C ARG B 153 -8.59 -8.43 -11.64
N PHE B 154 -9.23 -7.27 -11.60
CA PHE B 154 -8.96 -6.28 -10.56
C PHE B 154 -10.23 -5.74 -9.90
N TRP B 155 -10.10 -5.47 -8.61
CA TRP B 155 -11.15 -4.88 -7.78
C TRP B 155 -10.66 -3.46 -7.48
N PRO B 156 -11.29 -2.43 -8.08
CA PRO B 156 -10.88 -1.05 -7.80
C PRO B 156 -10.93 -0.72 -6.30
N SER B 157 -9.93 0.03 -5.83
CA SER B 157 -9.84 0.38 -4.41
C SER B 157 -10.92 1.40 -4.05
N LEU B 158 -11.77 1.05 -3.10
CA LEU B 158 -12.83 1.94 -2.62
C LEU B 158 -12.31 3.06 -1.70
N GLU B 159 -11.04 2.96 -1.29
CA GLU B 159 -10.33 4.04 -0.61
C GLU B 159 -9.92 5.17 -1.56
N THR B 160 -9.67 4.83 -2.83
CA THR B 160 -9.31 5.81 -3.86
C THR B 160 -10.55 6.27 -4.65
N PHE B 161 -11.31 5.32 -5.16
CA PHE B 161 -12.45 5.62 -6.03
C PHE B 161 -13.74 5.83 -5.23
N THR B 162 -14.22 7.07 -5.22
CA THR B 162 -15.40 7.49 -4.47
C THR B 162 -16.54 7.90 -5.40
N ASN B 163 -17.74 8.03 -4.82
CA ASN B 163 -18.95 8.47 -5.52
C ASN B 163 -19.39 7.46 -6.61
N VAL B 164 -18.70 7.45 -7.75
CA VAL B 164 -18.97 6.48 -8.82
C VAL B 164 -17.98 5.32 -8.65
N THR B 165 -18.49 4.17 -8.19
CA THR B 165 -17.68 2.98 -7.94
C THR B 165 -18.09 1.72 -8.74
N GLU B 166 -19.14 1.84 -9.56
CA GLU B 166 -19.67 0.71 -10.33
C GLU B 166 -19.45 0.94 -11.83
N PHE B 167 -19.10 -0.12 -12.55
CA PHE B 167 -18.77 -0.01 -13.98
C PHE B 167 -20.02 0.07 -14.84
N GLU B 168 -20.16 1.17 -15.57
CA GLU B 168 -21.22 1.35 -16.56
C GLU B 168 -20.87 0.59 -17.85
N TYR B 169 -21.77 -0.29 -18.28
CA TYR B 169 -21.58 -1.12 -19.48
C TYR B 169 -21.38 -0.29 -20.75
N GLU B 170 -22.23 0.72 -20.92
CA GLU B 170 -22.22 1.59 -22.12
C GLU B 170 -20.89 2.31 -22.36
N ILE B 171 -20.22 2.72 -21.28
CA ILE B 171 -18.93 3.40 -21.38
C ILE B 171 -17.86 2.43 -21.93
N LEU B 172 -17.86 1.20 -21.44
CA LEU B 172 -16.93 0.18 -21.94
C LEU B 172 -17.28 -0.27 -23.36
N ALA B 173 -18.58 -0.53 -23.60
CA ALA B 173 -19.06 -0.97 -24.92
C ALA B 173 -18.72 0.02 -26.04
N LYS B 174 -18.93 1.31 -25.78
CA LYS B 174 -18.65 2.36 -26.76
C LYS B 174 -17.17 2.42 -27.12
N ARG B 175 -16.31 2.40 -26.10
CA ARG B 175 -14.85 2.48 -26.30
C ARG B 175 -14.29 1.26 -27.01
N LEU B 176 -14.74 0.07 -26.62
CA LEU B 176 -14.28 -1.18 -27.25
C LEU B 176 -14.70 -1.26 -28.72
N ARG B 177 -15.86 -0.70 -29.06
CA ARG B 177 -16.31 -0.60 -30.46
C ARG B 177 -15.38 0.30 -31.27
N GLU B 178 -15.03 1.47 -30.71
CA GLU B 178 -14.09 2.39 -31.38
C GLU B 178 -12.73 1.72 -31.59
N LEU B 179 -12.24 1.02 -30.56
CA LEU B 179 -10.96 0.31 -30.62
C LEU B 179 -10.91 -0.81 -31.66
N SER B 180 -12.02 -1.51 -31.86
CA SER B 180 -12.08 -2.62 -32.82
C SER B 180 -11.67 -2.19 -34.24
N PHE B 181 -12.12 -1.01 -34.66
CA PHE B 181 -11.81 -0.49 -36.00
C PHE B 181 -10.34 -0.09 -36.20
N LEU B 182 -9.65 0.28 -35.12
CA LEU B 182 -8.21 0.58 -35.16
C LEU B 182 -7.31 -0.65 -35.07
N ASN B 183 -7.86 -1.78 -34.60
CA ASN B 183 -7.10 -3.01 -34.40
C ASN B 183 -7.71 -4.15 -35.21
N SER B 184 -7.29 -4.24 -36.47
CA SER B 184 -7.81 -5.23 -37.41
C SER B 184 -7.39 -6.66 -37.04
N GLY B 185 -8.35 -7.57 -37.13
CA GLY B 185 -8.12 -8.99 -36.82
C GLY B 185 -8.17 -9.35 -35.33
N VAL B 186 -8.51 -8.38 -34.48
CA VAL B 186 -8.59 -8.61 -33.03
C VAL B 186 -10.05 -8.75 -32.63
N SER B 187 -10.42 -9.92 -32.12
CA SER B 187 -11.75 -10.16 -31.60
C SER B 187 -11.85 -9.57 -30.19
N ILE B 188 -12.83 -8.68 -29.97
CA ILE B 188 -13.05 -8.08 -28.66
C ILE B 188 -14.44 -8.48 -28.17
N ARG B 189 -14.50 -9.26 -27.10
CA ARG B 189 -15.75 -9.65 -26.47
C ARG B 189 -15.95 -8.90 -25.16
N LEU B 190 -17.18 -8.40 -24.95
CA LEU B 190 -17.57 -7.74 -23.72
C LEU B 190 -18.70 -8.57 -23.11
N ARG B 191 -18.59 -8.86 -21.81
CA ARG B 191 -19.58 -9.66 -21.09
C ARG B 191 -19.91 -9.01 -19.76
N ASP B 192 -21.21 -8.92 -19.45
CA ASP B 192 -21.68 -8.39 -18.18
C ASP B 192 -22.37 -9.53 -17.42
N LYS B 193 -21.74 -9.99 -16.34
CA LYS B 193 -22.28 -11.07 -15.52
C LYS B 193 -23.38 -10.62 -14.54
N ARG B 194 -23.58 -9.31 -14.40
CA ARG B 194 -24.65 -8.76 -13.54
C ARG B 194 -26.03 -8.98 -14.16
N ASP B 195 -26.17 -8.64 -15.44
CA ASP B 195 -27.45 -8.77 -16.18
C ASP B 195 -27.41 -9.73 -17.39
N GLY B 196 -26.27 -10.35 -17.65
CA GLY B 196 -26.12 -11.29 -18.76
C GLY B 196 -25.92 -10.69 -20.15
N LYS B 197 -25.81 -9.35 -20.24
CA LYS B 197 -25.63 -8.66 -21.52
C LYS B 197 -24.22 -8.89 -22.06
N GLU B 198 -24.08 -8.95 -23.38
CA GLU B 198 -22.78 -9.12 -24.02
C GLU B 198 -22.73 -8.57 -25.44
N ASP B 199 -21.50 -8.32 -25.91
CA ASP B 199 -21.24 -7.82 -27.26
C ASP B 199 -19.97 -8.44 -27.82
N HIS B 200 -19.87 -8.42 -29.15
CA HIS B 200 -18.71 -8.95 -29.85
C HIS B 200 -18.32 -7.97 -30.96
N PHE B 201 -17.15 -7.35 -30.82
CA PHE B 201 -16.62 -6.40 -31.79
C PHE B 201 -15.42 -7.04 -32.49
N HIS B 202 -15.55 -7.30 -33.78
CA HIS B 202 -14.51 -7.97 -34.56
C HIS B 202 -14.45 -7.42 -35.98
N TYR B 203 -13.57 -6.44 -36.17
CA TYR B 203 -13.35 -5.80 -37.46
C TYR B 203 -12.14 -6.44 -38.13
N GLU B 204 -12.34 -6.95 -39.35
CA GLU B 204 -11.30 -7.69 -40.08
C GLU B 204 -10.80 -6.95 -41.33
N GLY B 205 -10.70 -5.63 -41.22
CA GLY B 205 -10.36 -4.77 -42.37
C GLY B 205 -8.88 -4.79 -42.72
N GLY B 206 -8.59 -4.57 -44.00
CA GLY B 206 -7.22 -4.68 -44.51
C GLY B 206 -6.76 -6.12 -44.58
NAF AX7 C . -4.76 0.46 1.82
CAI AX7 C . -3.42 0.35 1.45
CAD AX7 C . -2.58 1.28 0.82
CAB AX7 C . -1.26 0.93 0.58
CAC AX7 C . -0.77 -0.31 0.96
CAE AX7 C . -1.59 -1.24 1.59
CAJ AX7 C . -2.91 -0.88 1.84
NAG AX7 C . -3.95 -1.55 2.46
CAH AX7 C . -5.03 -0.71 2.42
NAA AX7 C . -6.21 -1.05 2.95
C1 HFC D . 10.63 9.92 16.94
C2 HFC D . 9.77 9.07 16.24
C3 HFC D . 8.61 8.62 16.88
C4 HFC D . 8.32 9.05 18.17
C5 HFC D . 9.19 9.92 18.84
C6 HFC D . 10.35 10.35 18.22
O7 HFC D . 11.81 10.38 16.36
C8 HFC D . 12.18 10.00 15.08
C9 HFC D . 11.29 9.13 14.35
C10 HFC D . 10.16 8.68 14.90
O11 HFC D . 13.24 10.44 14.69
O12 HFC D . 8.85 10.33 20.09
O13 HFC D . 7.20 8.62 18.80
C1 HFC E . -1.74 -6.91 -19.03
C2 HFC E . -1.33 -7.58 -20.19
C3 HFC E . -2.25 -8.41 -20.83
C4 HFC E . -3.53 -8.56 -20.31
C5 HFC E . -3.91 -7.88 -19.15
C6 HFC E . -3.01 -7.05 -18.51
O7 HFC E . -0.87 -6.04 -18.38
C8 HFC E . 0.41 -5.80 -18.83
C9 HFC E . 0.83 -6.50 -20.03
C10 HFC E . 0.00 -7.34 -20.66
O11 HFC E . 1.07 -5.00 -18.21
O12 HFC E . -5.18 -8.02 -18.68
O13 HFC E . -4.44 -9.36 -20.94
P PO4 F . -20.05 -13.86 -8.27
O1 PO4 F . -19.23 -14.80 -7.43
O2 PO4 F . -19.32 -12.54 -8.42
O3 PO4 F . -20.30 -14.47 -9.63
O4 PO4 F . -21.38 -13.61 -7.59
P PO4 G . 1.59 -16.36 -36.83
O1 PO4 G . 2.88 -16.94 -37.36
O2 PO4 G . 0.75 -17.45 -36.22
O3 PO4 G . 0.83 -15.73 -37.98
O4 PO4 G . 1.89 -15.31 -35.79
#